data_6TX3
#
_entry.id   6TX3
#
_cell.length_a   115.622
_cell.length_b   115.622
_cell.length_c   143.607
_cell.angle_alpha   90.000
_cell.angle_beta   90.000
_cell.angle_gamma   120.000
#
_symmetry.space_group_name_H-M   'P 61'
#
loop_
_entity.id
_entity.type
_entity.pdbx_description
1 polymer 'Poly [ADP-ribose] polymerase 2,Poly [ADP-ribose] polymerase 2'
2 polymer 'Histone PARylation factor 1'
3 non-polymer 2-[4-[(2S,3S,4R,5R)-5-(6-aminopurin-9-yl)-3,4-bis(oxidanyl)oxolan-2-yl]carbonylpiperazin-1-yl]-N-(1-oxidanylidene-2,3-dihydroisoindol-4-yl)ethanamide
#
loop_
_entity_poly.entity_id
_entity_poly.type
_entity_poly.pdbx_seq_one_letter_code
_entity_poly.pdbx_strand_id
1 'polypeptide(L)'
;MGSSHHHHHHSSGLVPRGSHPESQLDLRVQELIKLICNVQAMEEKTELQSPEHPLDQHYRNLHCALRPLDHESYEFKVIS
QYLQSTHAPTHSDYTMTLLDLFEVEKDGEKEAFREDLHNRMLLWHGSRMSNWVGILSHGLRIAPPEAPITGYMFGKGIYF
ADMSSKSANYCFASRLKNTGLLLLSEVALGQCNELLEANPKAEGLLQGKHSTKGLGKMAPSSAHFVTLNGSTVPLGPASD
TGILNPDGYTLNYNEYIVYNPNQVRMRYLLKVQFNFLQLW
;
B
2 'polypeptide(L)'
;MGHHHHHHLRKEVENHYKLSLPEDFYHFWKFCEELDPEKPSDSLSASLGLQLVGPYDILAGKHKTKKKSTGLNFNLHWRF
YYDPPEFQTIIIGDNKTQYHMGYFRDSPDEFPVYVGINEAKKNCIIVPNGDNVFAAVKLFLTKKLKEITDKKKINLLKNI
DEKLTEAARELGYSLEQRTVKMKQRDKKVVTKTFHGAGLVVPVDKNDVGYRELPETDADLKRICKTIVEAASDEERLKAF
APIQEMMTFVQFANDECDYGMGLELGMDLFCYGSHYFHKVAGQLLPLAYNLLKRNLFAEIIEEHLANRSQENIDQLAA
;
A
#
loop_
_chem_comp.id
_chem_comp.type
_chem_comp.name
_chem_comp.formula
UHB non-polymer 2-[4-[(2S,3S,4R,5R)-5-(6-aminopurin-9-yl)-3,4-bis(oxidanyl)oxolan-2-yl]carbonylpiperazin-1-yl]-N-(1-oxidanylidene-2,3-dihydroisoindol-4-yl)ethanamide 'C24 H27 N9 O6'
#
# COMPACT_ATOMS: atom_id res chain seq x y z
N PRO A 21 5.98 15.63 -49.66
CA PRO A 21 5.58 15.38 -48.27
C PRO A 21 5.48 13.89 -47.89
N GLU A 22 6.58 13.12 -47.87
CA GLU A 22 6.51 11.69 -47.60
C GLU A 22 7.63 11.27 -46.65
N SER A 23 7.31 10.43 -45.63
CA SER A 23 8.31 10.08 -44.62
C SER A 23 9.38 9.09 -45.09
N GLN A 24 10.62 9.28 -44.61
CA GLN A 24 11.76 8.45 -44.96
C GLN A 24 12.23 7.48 -43.86
N LEU A 25 11.57 7.46 -42.70
CA LEU A 25 11.95 6.61 -41.57
C LEU A 25 11.26 5.26 -41.48
N ASP A 26 12.00 4.28 -40.93
CA ASP A 26 11.49 2.96 -40.62
C ASP A 26 10.19 3.02 -39.81
N LEU A 27 9.27 2.11 -40.14
CA LEU A 27 7.93 2.13 -39.52
C LEU A 27 7.98 2.04 -38.00
N ARG A 28 8.96 1.32 -37.43
CA ARG A 28 8.99 1.20 -35.97
C ARG A 28 9.40 2.50 -35.31
N VAL A 29 10.35 3.23 -35.92
CA VAL A 29 10.68 4.56 -35.41
C VAL A 29 9.54 5.51 -35.71
N GLN A 30 8.89 5.31 -36.86
CA GLN A 30 7.71 6.07 -37.22
C GLN A 30 6.65 5.95 -36.12
N GLU A 31 6.38 4.72 -35.65
CA GLU A 31 5.37 4.47 -34.63
C GLU A 31 5.75 5.15 -33.31
N LEU A 32 7.04 5.15 -32.97
CA LEU A 32 7.52 5.82 -31.78
C LEU A 32 7.22 7.31 -31.82
N ILE A 33 7.53 7.96 -32.94
CA ILE A 33 7.37 9.40 -33.04
C ILE A 33 5.90 9.79 -32.86
N LYS A 34 4.99 9.05 -33.51
CA LYS A 34 3.55 9.28 -33.32
C LYS A 34 3.19 9.25 -31.83
N LEU A 35 3.81 8.33 -31.09
CA LEU A 35 3.52 8.12 -29.69
C LEU A 35 3.91 9.33 -28.84
N ILE A 36 5.12 9.87 -29.05
CA ILE A 36 5.61 10.98 -28.23
C ILE A 36 5.24 12.36 -28.78
N CYS A 37 4.59 12.44 -29.95
CA CYS A 37 4.27 13.74 -30.55
C CYS A 37 2.77 13.94 -30.64
N ASN A 38 2.36 15.18 -30.92
CA ASN A 38 0.94 15.59 -30.97
C ASN A 38 0.22 15.27 -29.65
N SER A 50 5.66 20.36 -46.00
CA SER A 50 7.08 20.62 -46.24
C SER A 50 7.54 19.58 -47.30
N PRO A 51 8.81 19.59 -47.70
CA PRO A 51 9.29 18.49 -48.57
C PRO A 51 9.63 17.27 -47.75
N GLU A 52 9.46 17.43 -46.45
CA GLU A 52 9.74 16.37 -45.48
C GLU A 52 8.48 16.07 -44.69
N HIS A 53 8.22 14.79 -44.46
CA HIS A 53 7.05 14.33 -43.68
C HIS A 53 7.18 14.85 -42.25
N PRO A 54 6.09 15.15 -41.53
CA PRO A 54 6.16 15.71 -40.17
C PRO A 54 6.84 14.69 -39.24
N LEU A 55 6.54 13.41 -39.43
CA LEU A 55 7.19 12.33 -38.66
C LEU A 55 8.68 12.40 -38.98
N ASP A 56 9.04 12.53 -40.27
CA ASP A 56 10.46 12.64 -40.68
C ASP A 56 11.05 13.92 -40.08
N GLN A 57 10.26 15.00 -40.09
CA GLN A 57 10.62 16.33 -39.59
C GLN A 57 10.86 16.37 -38.08
N HIS A 58 9.99 15.77 -37.25
CA HIS A 58 10.18 15.90 -35.77
C HIS A 58 11.46 15.21 -35.29
N TYR A 59 11.76 14.05 -35.85
CA TYR A 59 12.95 13.27 -35.44
C TYR A 59 14.23 14.07 -35.71
N ARG A 60 14.31 14.70 -36.88
CA ARG A 60 15.48 15.50 -37.28
C ARG A 60 15.59 16.69 -36.36
N ASN A 61 14.55 16.91 -35.58
CA ASN A 61 14.60 18.01 -34.63
C ASN A 61 14.84 17.52 -33.21
N LEU A 62 14.97 16.20 -33.04
CA LEU A 62 15.35 15.62 -31.76
C LEU A 62 16.86 15.63 -31.62
N HIS A 63 17.56 15.59 -32.74
CA HIS A 63 19.01 15.46 -32.75
C HIS A 63 19.49 14.26 -31.94
N CYS A 64 18.89 13.11 -32.23
CA CYS A 64 19.11 11.90 -31.44
C CYS A 64 18.95 10.69 -32.34
N ALA A 65 20.03 9.93 -32.53
CA ALA A 65 19.90 8.71 -33.29
C ALA A 65 19.06 7.71 -32.50
N LEU A 66 18.10 7.08 -33.18
CA LEU A 66 17.25 6.01 -32.62
C LEU A 66 17.20 4.90 -33.68
N ARG A 67 18.04 3.89 -33.52
CA ARG A 67 18.07 2.82 -34.50
C ARG A 67 17.44 1.57 -33.92
N PRO A 68 16.34 1.13 -34.53
CA PRO A 68 15.62 -0.08 -34.08
C PRO A 68 16.49 -1.32 -34.18
N LEU A 69 16.30 -2.22 -33.23
CA LEU A 69 16.98 -3.50 -33.18
C LEU A 69 15.99 -4.59 -33.54
N ASP A 70 16.52 -5.71 -34.00
CA ASP A 70 15.72 -6.86 -34.42
C ASP A 70 15.34 -7.72 -33.21
N HIS A 71 14.09 -8.20 -33.19
CA HIS A 71 13.60 -9.05 -32.10
C HIS A 71 14.41 -10.33 -31.92
N GLU A 72 15.33 -10.63 -32.82
CA GLU A 72 16.13 -11.84 -32.81
C GLU A 72 17.55 -11.54 -32.37
N SER A 73 17.92 -10.27 -32.36
CA SER A 73 19.26 -9.83 -32.09
C SER A 73 19.68 -10.13 -30.66
N TYR A 74 21.00 -10.31 -30.52
CA TYR A 74 21.63 -10.50 -29.23
C TYR A 74 21.28 -9.37 -28.28
N GLU A 75 21.27 -8.14 -28.79
CA GLU A 75 21.03 -7.00 -27.92
C GLU A 75 19.61 -7.05 -27.34
N PHE A 76 18.62 -7.42 -28.16
CA PHE A 76 17.26 -7.58 -27.67
C PHE A 76 17.11 -8.78 -26.70
N LYS A 77 17.79 -9.91 -26.97
CA LYS A 77 17.57 -11.07 -26.11
C LYS A 77 18.12 -10.80 -24.72
N VAL A 78 19.30 -10.18 -24.66
CA VAL A 78 19.97 -9.78 -23.42
C VAL A 78 19.19 -8.68 -22.71
N ILE A 79 18.73 -7.66 -23.45
CA ILE A 79 18.03 -6.55 -22.80
C ILE A 79 16.63 -7.01 -22.34
N SER A 80 15.98 -7.85 -23.14
CA SER A 80 14.72 -8.41 -22.71
C SER A 80 14.90 -9.19 -21.41
N GLN A 81 16.02 -9.89 -21.27
CA GLN A 81 16.18 -10.69 -20.06
C GLN A 81 16.42 -9.82 -18.84
N TYR A 82 17.09 -8.70 -19.03
CA TYR A 82 17.27 -7.69 -18.00
C TYR A 82 15.91 -7.21 -17.48
N LEU A 83 15.02 -6.86 -18.41
CA LEU A 83 13.70 -6.33 -18.08
C LEU A 83 12.87 -7.25 -17.21
N GLN A 84 12.87 -8.56 -17.50
CA GLN A 84 11.98 -9.48 -16.79
C GLN A 84 12.58 -9.95 -15.47
N SER A 85 13.91 -10.17 -15.43
CA SER A 85 14.56 -10.71 -14.24
C SER A 85 14.70 -9.68 -13.12
N THR A 86 14.47 -8.42 -13.41
CA THR A 86 14.54 -7.35 -12.43
C THR A 86 13.18 -6.70 -12.24
N HIS A 87 12.09 -7.39 -12.62
CA HIS A 87 10.79 -7.00 -12.11
C HIS A 87 10.68 -7.33 -10.63
N ALA A 88 10.56 -6.27 -9.83
CA ALA A 88 10.62 -6.36 -8.37
C ALA A 88 9.46 -7.15 -7.79
N PRO A 89 9.70 -7.94 -6.75
CA PRO A 89 8.60 -8.73 -6.14
C PRO A 89 7.42 -7.91 -5.63
N THR A 90 7.64 -6.69 -5.13
CA THR A 90 6.61 -5.85 -4.57
C THR A 90 5.90 -5.03 -5.63
N HIS A 91 6.24 -5.23 -6.88
CA HIS A 91 5.53 -4.55 -7.96
C HIS A 91 4.63 -5.55 -8.68
N SER A 92 3.71 -6.21 -7.95
CA SER A 92 2.93 -7.32 -8.49
C SER A 92 1.67 -6.89 -9.24
N ASP A 93 1.33 -5.61 -9.25
CA ASP A 93 0.09 -5.25 -9.90
C ASP A 93 0.19 -5.26 -11.42
N TYR A 94 1.36 -5.55 -11.98
CA TYR A 94 1.50 -5.67 -13.43
C TYR A 94 2.72 -6.48 -13.81
N THR A 95 2.74 -6.89 -15.07
CA THR A 95 3.90 -7.49 -15.69
C THR A 95 4.18 -6.68 -16.95
N MET A 96 5.35 -6.86 -17.56
CA MET A 96 5.72 -6.09 -18.75
C MET A 96 6.12 -6.97 -19.92
N THR A 97 5.68 -6.60 -21.11
CA THR A 97 6.08 -7.24 -22.35
C THR A 97 6.82 -6.17 -23.15
N LEU A 98 7.99 -6.53 -23.65
CA LEU A 98 8.83 -5.69 -24.50
C LEU A 98 8.39 -5.78 -25.96
N LEU A 99 7.72 -4.71 -26.40
CA LEU A 99 7.19 -4.59 -27.75
C LEU A 99 8.28 -4.32 -28.77
N ASP A 100 9.08 -3.27 -28.56
CA ASP A 100 10.11 -2.83 -29.50
C ASP A 100 11.32 -2.28 -28.74
N LEU A 101 12.51 -2.51 -29.27
CA LEU A 101 13.72 -1.99 -28.65
C LEU A 101 14.50 -1.11 -29.61
N PHE A 102 15.01 0.01 -29.10
CA PHE A 102 15.74 0.94 -29.93
C PHE A 102 17.10 1.20 -29.32
N GLU A 103 18.08 1.40 -30.20
CA GLU A 103 19.41 1.80 -29.78
C GLU A 103 19.45 3.32 -29.86
N VAL A 104 19.91 3.94 -28.78
CA VAL A 104 19.98 5.40 -28.67
C VAL A 104 21.45 5.84 -28.66
N GLU A 105 21.79 6.77 -29.54
CA GLU A 105 23.10 7.44 -29.51
C GLU A 105 22.81 8.93 -29.60
N LYS A 106 22.94 9.62 -28.48
CA LYS A 106 22.75 11.06 -28.46
C LYS A 106 24.05 11.77 -28.86
N ASP A 107 23.96 12.59 -29.91
CA ASP A 107 25.15 13.31 -30.39
C ASP A 107 25.71 14.27 -29.34
N GLY A 108 27.03 14.23 -29.18
CA GLY A 108 27.68 15.10 -28.23
C GLY A 108 27.79 14.46 -26.86
N GLU A 109 26.85 13.57 -26.56
CA GLU A 109 26.86 12.91 -25.25
C GLU A 109 28.07 12.00 -25.13
N LYS A 110 28.47 11.37 -26.24
CA LYS A 110 29.63 10.48 -26.23
C LYS A 110 30.91 11.23 -25.89
N GLU A 111 31.08 12.44 -26.44
CA GLU A 111 32.29 13.24 -26.18
C GLU A 111 32.26 13.81 -24.77
N ALA A 112 31.09 14.29 -24.35
CA ALA A 112 30.95 14.93 -23.05
C ALA A 112 31.13 13.89 -21.95
N PHE A 113 31.02 12.61 -22.32
CA PHE A 113 30.97 11.53 -21.36
C PHE A 113 32.26 11.44 -20.57
N ARG A 114 32.11 11.23 -19.26
CA ARG A 114 33.25 11.01 -18.39
C ARG A 114 33.80 9.61 -18.67
N GLU A 115 34.56 9.45 -19.76
CA GLU A 115 35.04 8.11 -20.07
C GLU A 115 36.09 7.65 -19.09
N ASP A 116 36.72 8.58 -18.37
CA ASP A 116 37.74 8.22 -17.39
C ASP A 116 37.17 7.34 -16.27
N LEU A 117 35.93 7.63 -15.83
CA LEU A 117 35.32 7.00 -14.67
C LEU A 117 34.94 5.52 -14.80
N HIS A 118 35.16 4.79 -13.71
CA HIS A 118 34.85 3.38 -13.48
C HIS A 118 33.38 3.19 -13.05
N ASN A 119 32.98 1.93 -12.73
CA ASN A 119 31.57 1.60 -12.46
C ASN A 119 30.65 2.04 -13.58
N ARG A 120 30.94 1.65 -14.82
CA ARG A 120 30.00 2.00 -15.87
C ARG A 120 28.94 0.90 -15.91
N MET A 121 27.69 1.26 -15.56
CA MET A 121 26.56 0.34 -15.48
C MET A 121 25.44 0.76 -16.42
N LEU A 122 24.70 -0.23 -16.93
CA LEU A 122 23.50 0.07 -17.71
C LEU A 122 22.29 0.10 -16.80
N LEU A 123 21.73 1.29 -16.58
CA LEU A 123 20.69 1.47 -15.57
C LEU A 123 19.40 2.04 -16.15
N TRP A 124 18.34 1.80 -15.39
CA TRP A 124 16.98 2.11 -15.78
C TRP A 124 16.65 3.54 -15.39
N HIS A 125 15.87 4.20 -16.26
CA HIS A 125 15.25 5.49 -15.93
C HIS A 125 13.88 5.50 -16.60
N GLY A 126 12.82 5.69 -15.81
CA GLY A 126 11.46 5.77 -16.34
C GLY A 126 10.88 7.16 -16.18
N SER A 127 9.93 7.53 -17.04
CA SER A 127 9.36 8.87 -16.98
C SER A 127 8.06 8.90 -17.76
N ARG A 128 7.28 9.95 -17.50
CA ARG A 128 6.03 10.15 -18.22
C ARG A 128 6.22 10.24 -19.72
N MET A 129 5.18 9.85 -20.46
CA MET A 129 5.19 9.90 -21.92
C MET A 129 5.49 11.31 -22.40
N SER A 130 4.92 12.29 -21.70
CA SER A 130 5.01 13.69 -22.09
C SER A 130 6.44 14.24 -22.00
N ASN A 131 7.36 13.53 -21.33
CA ASN A 131 8.73 13.96 -21.07
C ASN A 131 9.76 13.46 -22.07
N TRP A 132 9.40 12.50 -22.94
CA TRP A 132 10.44 11.88 -23.76
C TRP A 132 11.01 12.79 -24.85
N VAL A 133 10.22 13.70 -25.44
CA VAL A 133 10.84 14.67 -26.35
C VAL A 133 11.89 15.47 -25.62
N GLY A 134 11.55 15.96 -24.42
CA GLY A 134 12.52 16.70 -23.64
C GLY A 134 13.74 15.84 -23.35
N ILE A 135 13.51 14.58 -23.00
CA ILE A 135 14.61 13.72 -22.60
C ILE A 135 15.51 13.44 -23.80
N LEU A 136 14.89 13.08 -24.93
CA LEU A 136 15.65 12.76 -26.13
C LEU A 136 16.27 13.99 -26.79
N SER A 137 15.67 15.16 -26.61
CA SER A 137 16.21 16.34 -27.27
C SER A 137 17.38 16.94 -26.52
N HIS A 138 17.33 16.94 -25.19
CA HIS A 138 18.30 17.66 -24.39
C HIS A 138 19.09 16.77 -23.43
N GLY A 139 18.89 15.45 -23.49
CA GLY A 139 19.51 14.55 -22.53
C GLY A 139 18.84 14.63 -21.18
N LEU A 140 19.31 13.78 -20.28
CA LEU A 140 18.74 13.80 -18.95
C LEU A 140 19.24 15.04 -18.23
N ARG A 141 18.33 15.79 -17.64
CA ARG A 141 18.67 16.97 -16.86
C ARG A 141 18.54 16.63 -15.38
N ILE A 142 19.25 17.40 -14.57
CA ILE A 142 19.13 17.26 -13.12
C ILE A 142 17.76 17.71 -12.63
N ALA A 143 17.44 17.40 -11.37
CA ALA A 143 16.12 17.74 -10.83
C ALA A 143 15.98 19.24 -10.97
N PRO A 144 14.89 19.74 -11.53
CA PRO A 144 14.80 21.17 -11.86
C PRO A 144 15.08 22.09 -10.68
N PRO A 145 15.80 23.20 -10.95
CA PRO A 145 16.27 24.11 -9.87
C PRO A 145 15.12 24.89 -9.27
N GLU A 146 13.89 24.49 -9.63
CA GLU A 146 12.65 25.06 -9.12
C GLU A 146 12.29 24.48 -7.76
N ALA A 147 11.00 24.22 -7.54
CA ALA A 147 10.49 23.79 -6.24
C ALA A 147 10.87 22.34 -5.96
N PRO A 148 11.78 22.10 -5.00
CA PRO A 148 11.94 20.73 -4.49
C PRO A 148 10.73 20.12 -3.77
N ILE A 149 9.75 20.94 -3.35
CA ILE A 149 8.63 20.62 -2.45
C ILE A 149 9.31 20.65 -1.08
N THR A 150 9.41 19.50 -0.39
CA THR A 150 10.20 19.43 0.84
C THR A 150 11.68 19.42 0.45
N GLY A 151 11.95 18.84 -0.71
CA GLY A 151 13.19 18.43 -1.34
C GLY A 151 13.11 17.11 -2.06
N TYR A 152 14.23 16.72 -2.66
CA TYR A 152 14.42 15.44 -3.31
C TYR A 152 15.02 14.41 -2.35
N MET A 153 14.74 13.13 -2.60
CA MET A 153 15.16 12.12 -1.65
C MET A 153 16.68 12.15 -1.40
N PHE A 154 17.47 12.54 -2.41
CA PHE A 154 18.92 12.69 -2.27
C PHE A 154 19.42 13.93 -2.99
N GLY A 155 18.63 15.00 -2.98
CA GLY A 155 19.07 16.25 -3.57
C GLY A 155 18.83 16.26 -5.06
N LYS A 156 19.26 17.35 -5.69
CA LYS A 156 18.98 17.64 -7.11
C LYS A 156 19.98 16.98 -8.05
N GLY A 157 19.68 15.74 -8.43
CA GLY A 157 20.51 14.98 -9.36
C GLY A 157 19.67 14.27 -10.40
N ILE A 158 20.24 13.28 -11.09
CA ILE A 158 19.51 12.43 -12.03
C ILE A 158 19.39 11.01 -11.45
N TYR A 159 18.17 10.46 -11.42
CA TYR A 159 17.91 9.21 -10.73
C TYR A 159 17.83 8.01 -11.68
N PHE A 160 18.41 6.88 -11.24
CA PHE A 160 18.43 5.59 -11.94
C PHE A 160 18.11 4.45 -10.96
N ALA A 161 17.67 3.31 -11.50
CA ALA A 161 17.43 2.10 -10.70
C ALA A 161 18.07 0.88 -11.37
N ASP A 162 18.29 -0.18 -10.58
CA ASP A 162 18.72 -1.45 -11.15
C ASP A 162 17.61 -2.49 -11.25
N MET A 163 16.40 -2.18 -10.76
CA MET A 163 15.23 -3.03 -10.89
C MET A 163 14.33 -2.42 -11.96
N SER A 164 14.11 -3.16 -13.06
CA SER A 164 13.37 -2.62 -14.18
C SER A 164 12.03 -2.05 -13.73
N SER A 165 11.37 -2.72 -12.80
CA SER A 165 10.03 -2.31 -12.46
C SER A 165 10.06 -1.13 -11.50
N LYS A 166 11.16 -0.92 -10.77
CA LYS A 166 11.25 0.31 -9.99
C LYS A 166 11.24 1.52 -10.89
N SER A 167 12.05 1.49 -11.94
CA SER A 167 12.00 2.59 -12.90
C SER A 167 10.67 2.61 -13.65
N ALA A 168 10.13 1.43 -13.99
CA ALA A 168 8.91 1.37 -14.81
C ALA A 168 7.72 2.04 -14.15
N ASN A 169 7.65 2.02 -12.82
CA ASN A 169 6.55 2.65 -12.12
C ASN A 169 6.54 4.16 -12.29
N TYR A 170 7.63 4.74 -12.78
CA TYR A 170 7.68 6.18 -12.98
C TYR A 170 7.15 6.61 -14.34
N CYS A 171 6.68 5.68 -15.16
CA CYS A 171 6.09 6.00 -16.44
C CYS A 171 4.64 6.39 -16.32
N PHE A 172 4.03 6.13 -15.17
CA PHE A 172 2.62 6.36 -14.90
C PHE A 172 1.73 5.75 -15.98
N ALA A 173 2.01 4.50 -16.32
CA ALA A 173 1.09 3.94 -17.29
C ALA A 173 -0.21 3.52 -16.58
N SER A 174 -1.26 3.45 -17.38
CA SER A 174 -2.60 3.12 -16.93
C SER A 174 -3.26 2.10 -17.85
N ARG A 175 -4.46 1.63 -17.47
CA ARG A 175 -5.13 0.65 -18.30
C ARG A 175 -5.43 1.25 -19.67
N LEU A 176 -5.68 2.56 -19.74
CA LEU A 176 -6.00 3.12 -21.04
C LEU A 176 -4.72 3.42 -21.80
N LYS A 177 -3.78 4.10 -21.13
CA LYS A 177 -2.43 4.36 -21.62
C LYS A 177 -1.43 3.30 -21.13
N ASN A 178 -1.49 2.11 -21.73
CA ASN A 178 -0.70 1.00 -21.21
C ASN A 178 0.57 0.77 -22.01
N THR A 179 1.04 1.80 -22.71
CA THR A 179 2.34 1.79 -23.37
C THR A 179 3.20 2.82 -22.68
N GLY A 180 4.45 2.43 -22.37
CA GLY A 180 5.39 3.35 -21.76
C GLY A 180 6.78 3.14 -22.35
N LEU A 181 7.73 3.94 -21.89
CA LEU A 181 9.11 3.78 -22.33
C LEU A 181 10.03 3.61 -21.13
N LEU A 182 11.05 2.77 -21.30
CA LEU A 182 12.15 2.69 -20.36
C LEU A 182 13.44 3.10 -21.07
N LEU A 183 14.27 3.83 -20.35
CA LEU A 183 15.55 4.27 -20.86
C LEU A 183 16.64 3.44 -20.21
N LEU A 184 17.54 2.92 -21.03
CA LEU A 184 18.76 2.30 -20.54
C LEU A 184 19.89 3.26 -20.84
N SER A 185 20.72 3.55 -19.83
CA SER A 185 21.80 4.50 -20.00
C SER A 185 23.08 3.96 -19.37
N GLU A 186 24.24 4.23 -20.01
CA GLU A 186 25.51 4.00 -19.32
C GLU A 186 25.67 5.09 -18.28
N VAL A 187 25.96 4.70 -17.05
CA VAL A 187 26.05 5.64 -15.95
C VAL A 187 27.44 5.51 -15.34
N ALA A 188 28.22 6.57 -15.43
CA ALA A 188 29.54 6.62 -14.84
C ALA A 188 29.38 6.85 -13.34
N LEU A 189 29.40 5.77 -12.57
CA LEU A 189 29.15 5.93 -11.14
C LEU A 189 30.42 6.33 -10.43
N GLY A 190 31.55 5.91 -10.93
CA GLY A 190 32.80 6.23 -10.27
C GLY A 190 32.83 5.72 -8.85
N GLN A 191 33.23 6.60 -7.95
CA GLN A 191 33.26 6.29 -6.54
C GLN A 191 31.89 6.62 -5.98
N CYS A 192 31.23 5.65 -5.37
CA CYS A 192 29.91 5.88 -4.80
C CYS A 192 29.98 6.31 -3.35
N ASN A 193 29.18 7.32 -3.01
CA ASN A 193 28.90 7.61 -1.61
C ASN A 193 27.67 6.77 -1.28
N GLU A 194 27.86 5.72 -0.46
CA GLU A 194 26.80 4.79 -0.11
C GLU A 194 26.02 5.29 1.11
N LEU A 195 24.69 5.33 1.00
CA LEU A 195 23.84 5.80 2.08
C LEU A 195 22.72 4.82 2.42
N LEU A 196 22.45 4.71 3.73
CA LEU A 196 21.46 3.83 4.31
C LEU A 196 20.08 4.51 4.38
N GLU A 197 20.03 5.82 4.62
CA GLU A 197 18.78 6.52 4.75
C GLU A 197 18.75 7.75 3.84
N ALA A 198 17.59 8.39 3.77
CA ALA A 198 17.32 9.56 2.92
C ALA A 198 18.13 10.77 3.37
N ASN A 199 18.47 11.67 2.40
CA ASN A 199 19.18 12.89 2.76
C ASN A 199 19.10 13.97 1.68
N PRO A 200 18.27 15.02 1.86
CA PRO A 200 18.15 16.05 0.81
C PRO A 200 19.46 16.75 0.49
N LYS A 201 20.38 16.82 1.45
CA LYS A 201 21.65 17.52 1.25
C LYS A 201 22.75 16.55 0.87
N ALA A 202 22.38 15.40 0.28
CA ALA A 202 23.37 14.39 -0.07
C ALA A 202 24.43 14.92 -1.03
N GLU A 203 24.08 15.89 -1.88
CA GLU A 203 25.04 16.38 -2.86
C GLU A 203 26.22 17.09 -2.21
N GLY A 204 25.99 17.81 -1.10
CA GLY A 204 27.07 18.49 -0.43
C GLY A 204 28.06 17.51 0.17
N LEU A 205 27.57 16.34 0.59
CA LEU A 205 28.37 15.32 1.26
C LEU A 205 29.25 14.53 0.31
N LEU A 206 29.14 14.77 -1.00
CA LEU A 206 29.90 13.94 -1.94
C LEU A 206 31.39 14.06 -1.70
N GLN A 207 31.87 15.30 -1.50
CA GLN A 207 33.26 15.66 -1.25
C GLN A 207 34.26 14.87 -2.09
N GLY A 208 34.06 14.95 -3.40
CA GLY A 208 34.97 14.34 -4.33
C GLY A 208 34.55 12.99 -4.87
N LYS A 209 33.61 12.29 -4.21
CA LYS A 209 33.13 11.05 -4.80
C LYS A 209 32.13 11.40 -5.90
N HIS A 210 31.82 10.43 -6.76
CA HIS A 210 31.13 10.84 -7.97
C HIS A 210 29.63 10.56 -8.04
N SER A 211 29.04 9.84 -7.07
CA SER A 211 27.60 9.60 -7.11
C SER A 211 27.11 9.06 -5.77
N THR A 212 25.79 9.16 -5.55
CA THR A 212 25.17 8.60 -4.35
C THR A 212 24.46 7.31 -4.75
N LYS A 213 24.62 6.28 -3.92
CA LYS A 213 23.90 5.02 -4.09
C LYS A 213 23.13 4.70 -2.82
N GLY A 214 21.80 4.73 -2.89
CA GLY A 214 20.98 4.30 -1.80
C GLY A 214 20.90 2.79 -1.74
N LEU A 215 21.32 2.17 -0.64
CA LEU A 215 21.40 0.71 -0.56
C LEU A 215 20.03 0.13 -0.16
N GLY A 216 19.58 -0.87 -0.91
CA GLY A 216 18.30 -1.48 -0.63
C GLY A 216 18.47 -2.91 -0.11
N LYS A 217 17.43 -3.46 0.54
CA LYS A 217 17.45 -4.87 0.93
C LYS A 217 17.64 -5.78 -0.27
N MET A 218 17.21 -5.35 -1.45
CA MET A 218 17.19 -6.28 -2.57
C MET A 218 17.75 -5.58 -3.79
N ALA A 219 18.51 -6.34 -4.57
CA ALA A 219 19.16 -5.85 -5.77
C ALA A 219 19.69 -7.05 -6.54
N PRO A 220 19.96 -6.90 -7.84
CA PRO A 220 20.74 -7.92 -8.55
C PRO A 220 22.10 -8.09 -7.90
N SER A 221 22.61 -9.32 -7.88
CA SER A 221 23.93 -9.58 -7.31
C SER A 221 24.92 -9.92 -8.42
N SER A 222 26.18 -9.54 -8.19
CA SER A 222 27.25 -9.63 -9.19
C SER A 222 27.43 -11.02 -9.79
N ALA A 223 27.02 -12.08 -9.08
CA ALA A 223 27.09 -13.44 -9.63
C ALA A 223 26.40 -13.54 -10.98
N HIS A 224 25.33 -12.77 -11.19
CA HIS A 224 24.58 -12.88 -12.43
C HIS A 224 24.88 -11.76 -13.41
N PHE A 225 25.82 -10.87 -13.09
CA PHE A 225 26.14 -9.76 -13.99
C PHE A 225 26.64 -10.26 -15.35
N VAL A 226 26.48 -9.41 -16.35
CA VAL A 226 26.75 -9.73 -17.74
C VAL A 226 27.25 -8.43 -18.36
N THR A 227 27.86 -8.52 -19.54
CA THR A 227 28.32 -7.30 -20.20
C THR A 227 27.58 -7.09 -21.51
N LEU A 228 27.18 -5.85 -21.78
CA LEU A 228 26.64 -5.47 -23.08
C LEU A 228 27.36 -4.26 -23.65
N ASN A 229 28.12 -4.48 -24.73
CA ASN A 229 28.83 -3.42 -25.41
C ASN A 229 29.65 -2.58 -24.44
N GLY A 230 30.32 -3.25 -23.50
CA GLY A 230 31.27 -2.56 -22.64
C GLY A 230 30.71 -1.98 -21.37
N SER A 231 29.45 -2.20 -21.08
CA SER A 231 28.79 -1.71 -19.87
C SER A 231 28.27 -2.89 -19.06
N THR A 232 28.43 -2.79 -17.74
CA THR A 232 27.88 -3.80 -16.83
C THR A 232 26.36 -3.76 -16.85
N VAL A 233 25.75 -4.93 -17.02
CA VAL A 233 24.31 -5.13 -17.01
C VAL A 233 23.92 -5.85 -15.72
N PRO A 234 23.30 -5.15 -14.71
CA PRO A 234 23.03 -5.81 -13.41
C PRO A 234 21.83 -6.73 -13.59
N LEU A 235 22.09 -7.91 -14.12
CA LEU A 235 21.03 -8.86 -14.43
C LEU A 235 20.43 -9.44 -13.14
N GLY A 236 19.13 -9.79 -13.19
CA GLY A 236 18.47 -10.41 -12.05
C GLY A 236 18.68 -11.91 -11.96
N PRO A 237 18.00 -12.58 -11.01
CA PRO A 237 16.96 -12.19 -10.05
C PRO A 237 17.56 -11.44 -8.89
N ALA A 238 16.76 -10.62 -8.22
CA ALA A 238 17.28 -9.90 -7.06
C ALA A 238 17.48 -10.89 -5.93
N SER A 239 18.44 -10.59 -5.08
CA SER A 239 18.71 -11.34 -3.88
C SER A 239 18.92 -10.41 -2.70
N ASP A 240 18.89 -10.99 -1.50
CA ASP A 240 19.26 -10.23 -0.32
C ASP A 240 20.66 -9.66 -0.51
N THR A 241 20.82 -8.39 -0.15
CA THR A 241 22.08 -7.67 -0.26
C THR A 241 22.85 -7.61 1.05
N GLY A 242 22.29 -8.14 2.14
CA GLY A 242 22.91 -8.06 3.44
C GLY A 242 22.96 -6.69 4.09
N ILE A 243 22.23 -5.72 3.54
CA ILE A 243 22.14 -4.38 4.10
C ILE A 243 21.04 -4.28 5.17
N LEU A 244 21.35 -3.68 6.32
CA LEU A 244 20.33 -3.41 7.34
C LEU A 244 20.65 -2.05 7.95
N ASN A 245 19.63 -1.21 8.12
CA ASN A 245 19.87 0.03 8.85
C ASN A 245 19.74 -0.21 10.36
N PRO A 246 20.83 -0.07 11.12
CA PRO A 246 20.74 -0.29 12.57
C PRO A 246 19.96 0.80 13.29
N ASP A 247 19.56 1.86 12.58
CA ASP A 247 18.84 2.97 13.16
C ASP A 247 17.36 3.01 12.70
N GLY A 248 16.86 1.90 12.16
CA GLY A 248 15.50 1.79 11.62
C GLY A 248 15.24 1.08 10.30
N TYR A 249 14.38 1.70 9.51
CA TYR A 249 13.96 1.25 8.18
C TYR A 249 15.10 1.16 7.16
N THR A 250 15.20 0.00 6.52
CA THR A 250 16.15 -0.20 5.44
C THR A 250 15.39 -0.25 4.11
N LEU A 251 15.81 0.58 3.15
CA LEU A 251 15.13 0.67 1.85
C LEU A 251 15.09 -0.68 1.18
N ASN A 252 14.02 -0.93 0.44
CA ASN A 252 13.91 -2.18 -0.29
C ASN A 252 14.84 -2.26 -1.50
N TYR A 253 14.97 -1.17 -2.27
CA TYR A 253 15.80 -1.30 -3.45
C TYR A 253 16.81 -0.16 -3.63
N ASN A 254 17.90 -0.49 -4.31
CA ASN A 254 18.91 0.53 -4.61
C ASN A 254 18.31 1.69 -5.38
N GLU A 255 18.91 2.87 -5.19
CA GLU A 255 18.79 3.95 -6.16
C GLU A 255 20.15 4.56 -6.47
N TYR A 256 20.31 4.99 -7.73
CA TYR A 256 21.58 5.52 -8.16
C TYR A 256 21.33 6.98 -8.55
N ILE A 257 22.20 7.89 -8.12
CA ILE A 257 22.01 9.31 -8.45
C ILE A 257 23.33 9.92 -8.90
N VAL A 258 23.36 10.50 -10.10
CA VAL A 258 24.51 11.27 -10.55
C VAL A 258 24.08 12.73 -10.62
N TYR A 259 25.05 13.64 -10.42
CA TYR A 259 24.66 15.05 -10.32
C TYR A 259 25.18 15.88 -11.49
N ASN A 260 25.73 15.25 -12.54
CA ASN A 260 26.19 15.94 -13.74
C ASN A 260 25.76 15.16 -14.97
N PRO A 261 25.06 15.80 -15.91
CA PRO A 261 24.62 15.08 -17.12
C PRO A 261 25.75 14.45 -17.93
N ASN A 262 27.01 14.84 -17.70
CA ASN A 262 28.06 14.21 -18.49
C ASN A 262 28.46 12.83 -17.97
N GLN A 263 27.86 12.39 -16.86
CA GLN A 263 28.06 11.04 -16.35
C GLN A 263 27.03 10.07 -16.90
N VAL A 264 26.22 10.51 -17.87
CA VAL A 264 25.13 9.71 -18.40
C VAL A 264 25.26 9.62 -19.91
N ARG A 265 25.11 8.43 -20.46
CA ARG A 265 25.10 8.28 -21.91
C ARG A 265 24.02 7.27 -22.31
N MET A 266 22.91 7.77 -22.86
CA MET A 266 21.81 6.88 -23.30
C MET A 266 22.32 5.88 -24.32
N ARG A 267 21.82 4.69 -24.21
CA ARG A 267 22.26 3.60 -25.07
C ARG A 267 21.07 2.88 -25.68
N TYR A 268 20.02 2.62 -24.91
CA TYR A 268 18.82 1.94 -25.39
C TYR A 268 17.56 2.61 -24.87
N LEU A 269 16.49 2.45 -25.64
CA LEU A 269 15.13 2.93 -25.32
C LEU A 269 14.16 1.80 -25.58
N LEU A 270 13.47 1.35 -24.53
CA LEU A 270 12.54 0.23 -24.63
C LEU A 270 11.09 0.69 -24.80
N LYS A 271 10.40 0.13 -25.80
CA LYS A 271 8.97 0.35 -25.96
C LYS A 271 8.23 -0.81 -25.31
N VAL A 272 7.55 -0.53 -24.21
CA VAL A 272 7.00 -1.56 -23.31
C VAL A 272 5.50 -1.39 -23.18
N GLN A 273 4.78 -2.51 -23.15
CA GLN A 273 3.34 -2.48 -22.90
C GLN A 273 3.20 -3.03 -21.48
N PHE A 274 2.45 -2.32 -20.65
CA PHE A 274 2.22 -2.74 -19.28
C PHE A 274 0.95 -3.59 -19.22
N ASN A 275 1.04 -4.81 -18.67
CA ASN A 275 -0.14 -5.65 -18.57
C ASN A 275 -0.51 -5.74 -17.09
N PHE A 276 -1.56 -4.98 -16.73
CA PHE A 276 -2.16 -4.87 -15.41
C PHE A 276 -3.18 -5.98 -15.13
N LEU A 277 -3.62 -6.04 -13.86
CA LEU A 277 -4.52 -7.06 -13.35
C LEU A 277 -5.96 -6.57 -13.56
N GLN A 278 -6.92 -7.16 -12.85
CA GLN A 278 -8.32 -6.73 -12.98
C GLN A 278 -8.46 -5.37 -12.31
N LEU A 279 -9.04 -4.39 -13.01
CA LEU A 279 -9.18 -3.06 -12.41
C LEU A 279 -10.25 -3.08 -11.33
N TRP A 280 -11.47 -3.51 -11.68
CA TRP A 280 -12.54 -3.79 -10.71
C TRP A 280 -13.25 -5.13 -10.99
N HIS B 7 -7.30 -21.33 32.73
CA HIS B 7 -6.47 -20.96 31.60
C HIS B 7 -6.68 -21.93 30.45
N HIS B 8 -7.06 -23.17 30.81
CA HIS B 8 -7.13 -24.22 29.79
C HIS B 8 -8.22 -23.97 28.74
N LEU B 9 -9.23 -23.13 29.00
CA LEU B 9 -10.19 -22.96 27.92
C LEU B 9 -9.89 -21.72 27.13
N ARG B 10 -8.74 -21.11 27.42
CA ARG B 10 -8.30 -19.92 26.72
C ARG B 10 -7.95 -20.27 25.29
N LYS B 11 -7.08 -21.26 25.18
CA LYS B 11 -6.48 -21.77 23.96
C LYS B 11 -7.46 -22.36 22.96
N GLU B 12 -8.64 -22.81 23.35
CA GLU B 12 -9.51 -23.26 22.26
C GLU B 12 -10.05 -22.09 21.44
N VAL B 13 -10.39 -20.98 22.11
CA VAL B 13 -10.81 -19.75 21.46
C VAL B 13 -9.73 -19.16 20.54
N GLU B 14 -8.53 -18.99 21.08
CA GLU B 14 -7.45 -18.28 20.38
C GLU B 14 -6.80 -19.07 19.25
N ASN B 15 -6.86 -20.39 19.29
CA ASN B 15 -6.29 -21.19 18.20
C ASN B 15 -7.13 -21.05 16.95
N HIS B 16 -8.43 -20.93 17.10
CA HIS B 16 -9.33 -20.86 15.95
C HIS B 16 -9.21 -19.53 15.22
N TYR B 17 -9.12 -18.42 15.96
CA TYR B 17 -9.00 -17.06 15.42
C TYR B 17 -7.57 -16.63 15.06
N LYS B 18 -6.56 -17.34 15.57
CA LYS B 18 -5.12 -17.03 15.41
C LYS B 18 -4.75 -15.68 16.01
N LEU B 19 -5.45 -15.28 17.06
CA LEU B 19 -5.25 -14.02 17.75
C LEU B 19 -5.29 -14.28 19.24
N SER B 20 -4.59 -13.48 20.00
CA SER B 20 -4.70 -13.57 21.44
C SER B 20 -5.79 -12.63 21.89
N LEU B 21 -6.59 -13.07 22.84
CA LEU B 21 -7.64 -12.30 23.42
C LEU B 21 -7.28 -11.83 24.82
N PRO B 22 -7.70 -10.62 25.16
CA PRO B 22 -7.34 -10.02 26.44
C PRO B 22 -8.08 -10.67 27.59
N GLU B 23 -7.60 -10.36 28.81
CA GLU B 23 -8.14 -11.02 29.99
C GLU B 23 -9.60 -10.66 30.23
N ASP B 24 -10.03 -9.46 29.86
CA ASP B 24 -11.42 -9.07 30.07
C ASP B 24 -12.40 -9.90 29.22
N PHE B 25 -11.96 -10.40 28.06
CA PHE B 25 -12.78 -11.29 27.26
C PHE B 25 -13.22 -12.52 28.05
N TYR B 26 -12.26 -13.17 28.71
CA TYR B 26 -12.54 -14.41 29.44
C TYR B 26 -13.28 -14.16 30.74
N HIS B 27 -12.87 -13.14 31.49
CA HIS B 27 -13.58 -12.76 32.71
C HIS B 27 -15.03 -12.38 32.43
N PHE B 28 -15.28 -11.68 31.33
CA PHE B 28 -16.66 -11.28 31.05
C PHE B 28 -17.53 -12.51 30.77
N TRP B 29 -16.95 -13.56 30.17
CA TRP B 29 -17.70 -14.80 30.01
C TRP B 29 -18.17 -15.31 31.37
N LYS B 30 -17.25 -15.38 32.34
CA LYS B 30 -17.63 -15.83 33.67
C LYS B 30 -18.67 -14.90 34.28
N PHE B 31 -18.58 -13.59 34.01
CA PHE B 31 -19.62 -12.67 34.45
C PHE B 31 -20.99 -13.03 33.83
N CYS B 32 -21.02 -13.26 32.52
CA CYS B 32 -22.27 -13.59 31.82
C CYS B 32 -22.76 -15.00 32.18
N GLU B 33 -21.81 -15.90 32.39
CA GLU B 33 -22.10 -17.23 32.90
C GLU B 33 -22.87 -17.07 34.21
N GLU B 34 -22.41 -16.18 35.09
CA GLU B 34 -23.07 -15.96 36.37
C GLU B 34 -24.49 -15.42 36.20
N LEU B 35 -24.73 -14.58 35.21
CA LEU B 35 -26.07 -14.05 34.98
C LEU B 35 -27.04 -15.14 34.55
N ASP B 36 -26.52 -16.10 33.77
CA ASP B 36 -27.31 -17.20 33.19
C ASP B 36 -26.39 -18.40 33.05
N PRO B 37 -26.31 -19.32 34.02
CA PRO B 37 -25.44 -20.48 33.91
C PRO B 37 -25.81 -21.38 32.72
N GLU B 38 -27.11 -21.51 32.43
CA GLU B 38 -27.66 -22.38 31.36
C GLU B 38 -27.32 -21.91 29.94
N LYS B 39 -27.48 -20.61 29.65
CA LYS B 39 -27.15 -20.00 28.33
C LYS B 39 -26.41 -18.69 28.58
N PRO B 40 -25.10 -18.67 28.88
CA PRO B 40 -24.39 -17.45 29.23
C PRO B 40 -24.40 -16.31 28.19
N SER B 41 -24.33 -16.64 26.89
CA SER B 41 -24.23 -15.62 25.82
C SER B 41 -25.45 -14.69 25.74
N ASP B 42 -26.66 -15.22 25.92
CA ASP B 42 -27.86 -14.36 25.75
C ASP B 42 -28.27 -13.75 27.08
N SER B 43 -27.40 -13.83 28.09
CA SER B 43 -27.74 -13.30 29.40
C SER B 43 -28.11 -11.82 29.36
N LEU B 44 -27.56 -11.06 28.41
CA LEU B 44 -27.89 -9.64 28.28
C LEU B 44 -28.88 -9.36 27.17
N SER B 45 -29.49 -10.39 26.59
CA SER B 45 -30.25 -10.21 25.37
C SER B 45 -31.60 -9.54 25.62
N ALA B 46 -32.34 -10.00 26.63
CA ALA B 46 -33.65 -9.45 26.92
C ALA B 46 -33.57 -8.01 27.45
N SER B 47 -32.56 -7.73 28.26
CA SER B 47 -32.48 -6.42 28.89
C SER B 47 -31.85 -5.38 27.97
N LEU B 48 -30.74 -5.71 27.30
CA LEU B 48 -30.01 -4.76 26.48
C LEU B 48 -30.10 -4.98 24.98
N GLY B 49 -30.63 -6.12 24.54
CA GLY B 49 -30.58 -6.50 23.15
C GLY B 49 -29.22 -6.91 22.61
N LEU B 50 -28.32 -7.34 23.49
CA LEU B 50 -26.98 -7.76 23.13
C LEU B 50 -26.81 -9.27 23.30
N GLN B 51 -25.93 -9.83 22.49
CA GLN B 51 -25.64 -11.25 22.48
C GLN B 51 -24.14 -11.37 22.35
N LEU B 52 -23.55 -12.25 23.14
CA LEU B 52 -22.13 -12.46 23.02
C LEU B 52 -21.97 -13.41 21.85
N VAL B 53 -21.06 -13.06 20.93
CA VAL B 53 -20.86 -13.80 19.70
C VAL B 53 -19.38 -13.77 19.35
N GLY B 54 -19.04 -14.25 18.17
CA GLY B 54 -17.69 -14.14 17.66
C GLY B 54 -16.86 -15.19 18.35
N PRO B 55 -15.78 -14.78 19.00
CA PRO B 55 -15.04 -15.75 19.82
C PRO B 55 -15.84 -16.29 21.00
N TYR B 56 -16.86 -15.55 21.45
CA TYR B 56 -17.73 -16.05 22.49
C TYR B 56 -18.59 -17.23 22.04
N ASP B 57 -18.91 -17.32 20.75
CA ASP B 57 -19.60 -18.50 20.23
C ASP B 57 -18.80 -19.77 20.48
N ILE B 58 -17.48 -19.70 20.45
CA ILE B 58 -16.68 -20.90 20.71
C ILE B 58 -16.74 -21.25 22.18
N LEU B 59 -16.56 -20.25 23.03
CA LEU B 59 -16.71 -20.38 24.48
C LEU B 59 -18.11 -20.92 24.85
N ALA B 60 -19.14 -20.52 24.09
CA ALA B 60 -20.50 -20.99 24.29
C ALA B 60 -20.72 -22.43 23.81
N GLY B 61 -19.72 -23.02 23.17
CA GLY B 61 -19.78 -24.34 22.56
C GLY B 61 -20.68 -24.43 21.36
N LYS B 62 -21.04 -23.28 20.78
CA LYS B 62 -21.91 -23.19 19.62
C LYS B 62 -21.24 -23.69 18.34
N HIS B 63 -19.92 -23.88 18.35
CA HIS B 63 -19.11 -24.33 17.22
C HIS B 63 -19.11 -25.84 16.99
N LYS B 64 -19.82 -26.63 17.78
CA LYS B 64 -19.76 -28.07 17.60
C LYS B 64 -21.11 -28.54 17.06
N THR B 65 -21.34 -28.22 15.78
CA THR B 65 -22.52 -28.62 15.01
C THR B 65 -22.06 -29.03 13.61
N LYS B 66 -21.29 -28.16 12.93
CA LYS B 66 -20.63 -28.43 11.64
C LYS B 66 -20.26 -29.90 11.39
N GLY B 71 -16.87 -26.64 5.70
CA GLY B 71 -16.21 -25.36 5.48
C GLY B 71 -16.63 -24.32 6.51
N LEU B 72 -15.66 -23.89 7.31
CA LEU B 72 -15.83 -22.93 8.41
C LEU B 72 -14.63 -22.03 8.56
N ASN B 73 -14.78 -20.75 8.14
CA ASN B 73 -13.70 -19.75 8.05
C ASN B 73 -13.98 -18.66 9.10
N PHE B 74 -13.21 -18.69 10.19
CA PHE B 74 -13.43 -17.76 11.30
C PHE B 74 -12.93 -16.34 11.07
N ASN B 75 -12.13 -16.10 10.04
CA ASN B 75 -11.79 -14.73 9.67
C ASN B 75 -13.00 -13.96 9.18
N LEU B 76 -14.06 -14.68 8.77
CA LEU B 76 -15.30 -14.08 8.28
C LEU B 76 -16.44 -14.21 9.27
N HIS B 77 -16.25 -14.97 10.35
CA HIS B 77 -17.35 -15.31 11.24
C HIS B 77 -17.73 -14.07 12.04
N TRP B 78 -18.96 -13.62 11.86
CA TRP B 78 -19.48 -12.37 12.40
C TRP B 78 -18.63 -11.18 11.99
N ARG B 79 -17.97 -11.29 10.82
CA ARG B 79 -17.28 -10.15 10.22
C ARG B 79 -18.27 -9.36 9.37
N PHE B 80 -18.63 -8.18 9.85
CA PHE B 80 -19.57 -7.34 9.14
C PHE B 80 -18.93 -6.64 7.95
N TYR B 81 -19.81 -6.07 7.12
CA TYR B 81 -19.40 -5.55 5.81
C TYR B 81 -18.24 -4.56 5.90
N TYR B 82 -18.21 -3.73 6.95
CA TYR B 82 -17.20 -2.68 7.08
C TYR B 82 -16.13 -2.98 8.13
N ASP B 83 -16.03 -4.25 8.56
CA ASP B 83 -15.03 -4.58 9.57
C ASP B 83 -13.64 -4.68 8.94
N PRO B 84 -12.77 -3.72 9.19
CA PRO B 84 -11.40 -3.85 8.71
C PRO B 84 -10.73 -5.00 9.45
N PRO B 85 -9.60 -5.51 8.97
CA PRO B 85 -9.01 -6.66 9.66
C PRO B 85 -8.71 -6.38 11.12
N GLU B 86 -8.45 -5.12 11.50
CA GLU B 86 -8.20 -4.82 12.91
C GLU B 86 -9.38 -5.14 13.82
N PHE B 87 -10.58 -5.29 13.28
CA PHE B 87 -11.81 -5.27 14.08
C PHE B 87 -12.38 -6.69 14.14
N GLN B 88 -12.46 -7.25 15.34
CA GLN B 88 -12.90 -8.63 15.53
C GLN B 88 -14.16 -8.57 16.37
N THR B 89 -15.31 -8.85 15.75
CA THR B 89 -16.58 -8.74 16.45
C THR B 89 -16.65 -9.70 17.61
N ILE B 90 -17.14 -9.18 18.74
CA ILE B 90 -17.41 -9.97 19.94
C ILE B 90 -18.85 -9.83 20.44
N ILE B 91 -19.58 -8.79 20.05
CA ILE B 91 -20.91 -8.50 20.57
C ILE B 91 -21.75 -7.88 19.46
N ILE B 92 -23.02 -8.31 19.37
CA ILE B 92 -23.99 -7.76 18.42
C ILE B 92 -25.15 -7.14 19.18
N GLY B 93 -25.71 -6.08 18.61
CA GLY B 93 -26.92 -5.40 19.07
C GLY B 93 -28.02 -5.28 18.04
N ASP B 94 -28.65 -4.10 17.98
CA ASP B 94 -29.76 -3.84 17.07
C ASP B 94 -29.49 -4.30 15.65
N ASN B 95 -30.26 -5.26 15.17
CA ASN B 95 -30.02 -5.72 13.80
C ASN B 95 -30.55 -4.75 12.75
N LYS B 96 -31.41 -3.80 13.13
CA LYS B 96 -31.86 -2.77 12.19
C LYS B 96 -30.74 -1.82 11.79
N THR B 97 -29.85 -1.46 12.72
CA THR B 97 -28.70 -0.63 12.36
C THR B 97 -27.49 -1.51 12.14
N GLN B 98 -27.65 -2.79 12.44
CA GLN B 98 -26.60 -3.79 12.50
C GLN B 98 -25.41 -3.30 13.34
N TYR B 99 -25.76 -2.70 14.49
CA TYR B 99 -24.86 -2.41 15.60
C TYR B 99 -24.21 -3.67 16.14
N HIS B 100 -22.90 -3.59 16.35
CA HIS B 100 -22.08 -4.64 16.93
C HIS B 100 -20.81 -4.01 17.47
N MET B 101 -20.17 -4.74 18.39
CA MET B 101 -18.92 -4.36 19.02
C MET B 101 -17.79 -5.34 18.71
N GLY B 102 -16.56 -4.83 18.64
CA GLY B 102 -15.43 -5.68 18.35
C GLY B 102 -14.16 -5.17 19.00
N TYR B 103 -13.25 -6.10 19.31
CA TYR B 103 -11.90 -5.72 19.70
C TYR B 103 -11.17 -5.16 18.48
N PHE B 104 -10.41 -4.10 18.71
CA PHE B 104 -9.61 -3.43 17.69
C PHE B 104 -8.13 -3.60 18.02
N ARG B 105 -7.38 -4.23 17.12
CA ARG B 105 -5.95 -4.43 17.28
C ARG B 105 -5.20 -3.68 16.18
N ASP B 106 -4.17 -2.91 16.54
CA ASP B 106 -3.38 -2.33 15.47
C ASP B 106 -2.48 -3.37 14.82
N SER B 107 -2.13 -4.43 15.55
CA SER B 107 -1.24 -5.43 14.99
C SER B 107 -1.79 -6.75 15.53
N PRO B 108 -1.78 -7.79 14.72
CA PRO B 108 -2.21 -9.11 15.21
C PRO B 108 -1.32 -9.67 16.30
N ASP B 109 -0.15 -9.08 16.51
CA ASP B 109 0.81 -9.51 17.52
C ASP B 109 0.63 -8.82 18.86
N GLU B 110 -0.31 -7.88 18.96
CA GLU B 110 -0.62 -7.12 20.17
C GLU B 110 -2.00 -7.55 20.68
N PHE B 111 -2.25 -7.24 21.96
CA PHE B 111 -3.60 -7.33 22.48
C PHE B 111 -4.43 -6.20 21.87
N PRO B 112 -5.75 -6.33 21.86
CA PRO B 112 -6.60 -5.23 21.39
C PRO B 112 -6.25 -3.94 22.14
N VAL B 113 -6.29 -2.82 21.40
CA VAL B 113 -6.10 -1.52 22.04
C VAL B 113 -7.37 -0.88 22.61
N TYR B 114 -8.57 -1.24 22.12
CA TYR B 114 -9.80 -0.76 22.76
C TYR B 114 -10.95 -1.53 22.10
N VAL B 115 -12.18 -1.29 22.58
CA VAL B 115 -13.40 -1.84 21.97
C VAL B 115 -14.12 -0.79 21.13
N GLY B 116 -14.36 -1.11 19.86
CA GLY B 116 -15.06 -0.20 18.98
C GLY B 116 -16.45 -0.65 18.59
N ILE B 117 -17.28 0.29 18.14
CA ILE B 117 -18.63 -0.03 17.73
C ILE B 117 -18.85 0.59 16.36
N ASN B 118 -19.71 -0.06 15.58
CA ASN B 118 -20.10 0.36 14.25
C ASN B 118 -21.55 -0.04 14.05
N GLU B 119 -22.26 0.73 13.23
CA GLU B 119 -23.60 0.37 12.77
C GLU B 119 -23.46 0.13 11.27
N ALA B 120 -23.36 -1.14 10.87
CA ALA B 120 -22.98 -1.44 9.50
C ALA B 120 -24.06 -1.03 8.50
N LYS B 121 -25.31 -0.90 8.94
CA LYS B 121 -26.33 -0.40 8.05
C LYS B 121 -26.30 1.13 7.92
N LYS B 122 -25.52 1.83 8.73
CA LYS B 122 -25.50 3.30 8.70
C LYS B 122 -24.24 3.89 8.05
N ASN B 123 -23.04 3.47 8.45
CA ASN B 123 -21.83 4.09 7.92
C ASN B 123 -20.65 3.19 8.28
N CYS B 124 -19.46 3.61 7.85
CA CYS B 124 -18.27 2.83 8.11
C CYS B 124 -17.48 3.27 9.34
N ILE B 125 -18.00 4.17 10.16
CA ILE B 125 -17.20 4.81 11.20
C ILE B 125 -17.16 3.94 12.45
N ILE B 126 -15.97 3.78 13.02
CA ILE B 126 -15.73 3.03 14.24
C ILE B 126 -15.47 4.00 15.37
N VAL B 127 -16.33 3.95 16.39
CA VAL B 127 -16.30 4.91 17.50
C VAL B 127 -15.67 4.19 18.69
N PRO B 128 -14.66 4.79 19.34
CA PRO B 128 -14.10 4.16 20.54
C PRO B 128 -15.18 4.08 21.60
N ASN B 129 -15.13 2.99 22.37
CA ASN B 129 -16.18 2.73 23.34
C ASN B 129 -15.58 2.00 24.54
N GLY B 130 -14.56 2.60 25.13
CA GLY B 130 -13.85 2.01 26.25
C GLY B 130 -12.72 1.12 25.77
N ASP B 131 -11.86 0.73 26.71
CA ASP B 131 -10.72 -0.12 26.42
C ASP B 131 -10.88 -1.57 26.87
N ASN B 132 -12.08 -1.97 27.30
CA ASN B 132 -12.36 -3.34 27.69
C ASN B 132 -13.84 -3.63 27.49
N VAL B 133 -14.18 -4.92 27.49
CA VAL B 133 -15.55 -5.28 27.12
C VAL B 133 -16.52 -4.90 28.23
N PHE B 134 -16.05 -4.88 29.48
CA PHE B 134 -16.86 -4.40 30.60
C PHE B 134 -17.29 -2.94 30.43
N ALA B 135 -16.32 -2.04 30.12
CA ALA B 135 -16.63 -0.63 29.84
C ALA B 135 -17.60 -0.45 28.69
N ALA B 136 -17.38 -1.16 27.59
CA ALA B 136 -18.18 -0.96 26.39
C ALA B 136 -19.66 -1.22 26.64
N VAL B 137 -19.99 -2.27 27.40
CA VAL B 137 -21.38 -2.60 27.67
C VAL B 137 -21.99 -1.66 28.72
N LYS B 138 -21.20 -1.27 29.73
CA LYS B 138 -21.67 -0.32 30.74
C LYS B 138 -22.03 1.02 30.10
N LEU B 139 -21.18 1.51 29.20
CA LEU B 139 -21.49 2.74 28.51
C LEU B 139 -22.78 2.60 27.69
N PHE B 140 -22.94 1.48 26.98
CA PHE B 140 -24.19 1.21 26.27
C PHE B 140 -25.38 1.16 27.22
N LEU B 141 -25.22 0.50 28.36
CA LEU B 141 -26.33 0.36 29.31
C LEU B 141 -26.79 1.73 29.78
N THR B 142 -25.82 2.59 30.12
CA THR B 142 -26.18 3.94 30.56
C THR B 142 -26.99 4.64 29.48
N LYS B 143 -26.57 4.50 28.21
CA LYS B 143 -27.28 5.13 27.10
C LYS B 143 -28.66 4.53 26.89
N LYS B 144 -28.78 3.21 27.01
CA LYS B 144 -30.09 2.58 26.80
C LYS B 144 -31.06 3.00 27.89
N LEU B 145 -30.61 3.14 29.14
CA LEU B 145 -31.52 3.57 30.20
C LEU B 145 -32.18 4.92 29.90
N LYS B 146 -31.49 5.83 29.18
CA LYS B 146 -32.13 7.11 28.89
C LYS B 146 -33.38 7.00 28.03
N GLU B 147 -33.55 5.94 27.23
CA GLU B 147 -34.74 5.88 26.38
C GLU B 147 -35.86 5.05 26.99
N ILE B 148 -35.60 4.33 28.08
CA ILE B 148 -36.54 3.34 28.61
C ILE B 148 -37.51 4.03 29.55
N THR B 149 -38.81 3.78 29.34
CA THR B 149 -39.91 4.37 30.10
C THR B 149 -40.67 3.33 30.93
N ASP B 150 -40.20 2.09 31.01
CA ASP B 150 -40.91 1.00 31.66
C ASP B 150 -40.17 0.63 32.94
N LYS B 151 -40.93 0.60 34.04
CA LYS B 151 -40.34 0.47 35.37
C LYS B 151 -39.63 -0.85 35.58
N LYS B 152 -40.20 -1.97 35.10
CA LYS B 152 -39.53 -3.25 35.27
C LYS B 152 -38.22 -3.36 34.48
N LYS B 153 -38.21 -2.91 33.22
CA LYS B 153 -36.96 -2.94 32.48
C LYS B 153 -35.94 -1.99 33.11
N ILE B 154 -36.37 -0.79 33.52
CA ILE B 154 -35.45 0.14 34.20
C ILE B 154 -34.86 -0.50 35.45
N ASN B 155 -35.71 -1.09 36.30
CA ASN B 155 -35.26 -1.76 37.52
C ASN B 155 -34.29 -2.90 37.23
N LEU B 156 -34.57 -3.72 36.21
CA LEU B 156 -33.68 -4.82 35.89
C LEU B 156 -32.28 -4.30 35.50
N LEU B 157 -32.24 -3.26 34.67
CA LEU B 157 -30.97 -2.70 34.20
C LEU B 157 -30.21 -2.02 35.34
N LYS B 158 -30.94 -1.34 36.25
CA LYS B 158 -30.32 -0.72 37.41
C LYS B 158 -29.61 -1.73 38.32
N ASN B 159 -30.23 -2.89 38.54
CA ASN B 159 -29.61 -3.95 39.34
C ASN B 159 -28.33 -4.49 38.72
N ILE B 160 -28.40 -4.85 37.43
CA ILE B 160 -27.25 -5.38 36.67
C ILE B 160 -26.10 -4.39 36.63
N ASP B 161 -26.41 -3.10 36.51
CA ASP B 161 -25.38 -2.06 36.52
C ASP B 161 -24.52 -2.15 37.78
N GLU B 162 -25.14 -2.40 38.93
CA GLU B 162 -24.37 -2.54 40.17
C GLU B 162 -23.41 -3.72 40.09
N LYS B 163 -23.84 -4.85 39.54
CA LYS B 163 -22.92 -5.96 39.42
C LYS B 163 -21.78 -5.64 38.47
N LEU B 164 -22.06 -5.04 37.30
CA LEU B 164 -20.96 -4.69 36.42
C LEU B 164 -19.98 -3.74 37.10
N THR B 165 -20.50 -2.65 37.69
CA THR B 165 -19.61 -1.69 38.31
C THR B 165 -18.78 -2.36 39.40
N GLU B 166 -19.43 -3.15 40.27
CA GLU B 166 -18.69 -3.81 41.33
C GLU B 166 -17.72 -4.83 40.76
N ALA B 167 -18.16 -5.60 39.76
CA ALA B 167 -17.27 -6.57 39.12
C ALA B 167 -16.10 -5.86 38.44
N ALA B 168 -16.36 -4.74 37.75
CA ALA B 168 -15.26 -3.99 37.13
C ALA B 168 -14.32 -3.47 38.20
N ARG B 169 -14.86 -2.93 39.28
CA ARG B 169 -14.05 -2.46 40.40
C ARG B 169 -13.21 -3.61 40.94
N GLU B 170 -13.81 -4.79 41.10
CA GLU B 170 -13.12 -5.95 41.66
C GLU B 170 -11.94 -6.42 40.80
N LEU B 171 -12.05 -6.33 39.47
CA LEU B 171 -10.95 -6.73 38.57
C LEU B 171 -9.96 -5.61 38.25
N GLY B 172 -10.27 -4.37 38.60
CA GLY B 172 -9.40 -3.25 38.31
C GLY B 172 -9.50 -2.74 36.90
N TYR B 173 -10.68 -2.86 36.29
CA TYR B 173 -10.92 -2.43 34.92
C TYR B 173 -11.54 -1.03 34.91
N SER B 174 -10.98 -0.12 34.11
CA SER B 174 -11.58 1.20 33.93
C SER B 174 -12.92 1.12 33.19
N LEU B 175 -13.84 2.01 33.55
CA LEU B 175 -15.14 2.14 32.87
C LEU B 175 -15.25 3.38 32.00
N GLU B 176 -14.17 4.11 31.77
CA GLU B 176 -14.18 5.33 30.97
C GLU B 176 -14.30 5.06 29.47
N GLN B 177 -14.96 5.98 28.76
CA GLN B 177 -15.04 5.88 27.30
C GLN B 177 -13.67 6.01 26.64
N ARG B 178 -12.79 6.86 27.18
CA ARG B 178 -11.43 7.00 26.67
C ARG B 178 -10.47 6.96 27.86
N THR B 179 -9.67 5.91 27.91
CA THR B 179 -8.70 5.65 28.94
C THR B 179 -7.35 6.28 28.65
N VAL B 180 -6.41 6.06 29.56
CA VAL B 180 -5.07 6.59 29.40
C VAL B 180 -4.35 5.92 28.23
N LYS B 181 -4.36 4.56 28.16
CA LYS B 181 -3.72 3.94 27.00
C LYS B 181 -4.37 4.39 25.70
N MET B 182 -5.68 4.65 25.72
CA MET B 182 -6.31 5.17 24.51
C MET B 182 -5.82 6.57 24.20
N LYS B 183 -5.73 7.45 25.20
CA LYS B 183 -5.18 8.75 24.86
C LYS B 183 -3.71 8.64 24.48
N GLN B 184 -3.00 7.63 25.01
CA GLN B 184 -1.61 7.42 24.57
C GLN B 184 -1.52 6.83 23.18
N ARG B 185 -2.39 5.86 22.84
CA ARG B 185 -2.37 5.34 21.48
C ARG B 185 -2.71 6.43 20.47
N ASP B 186 -3.67 7.33 20.79
CA ASP B 186 -4.03 8.39 19.85
C ASP B 186 -2.83 9.26 19.47
N LYS B 187 -1.85 9.41 20.37
CA LYS B 187 -0.61 10.14 20.07
C LYS B 187 0.23 9.45 19.01
N LYS B 188 0.06 8.15 18.83
CA LYS B 188 0.80 7.39 17.82
C LYS B 188 0.04 7.30 16.51
N VAL B 189 -1.18 7.82 16.45
CA VAL B 189 -2.00 7.65 15.25
C VAL B 189 -1.42 8.50 14.14
N VAL B 190 -1.05 7.86 13.03
CA VAL B 190 -0.43 8.60 11.93
C VAL B 190 -1.45 9.21 10.97
N THR B 191 -2.71 8.74 10.97
CA THR B 191 -3.85 9.28 10.22
C THR B 191 -5.12 8.59 10.71
N LYS B 192 -6.26 9.29 10.61
CA LYS B 192 -7.50 8.68 11.09
C LYS B 192 -8.09 7.66 10.11
N THR B 193 -7.97 7.88 8.80
CA THR B 193 -8.74 7.22 7.74
C THR B 193 -10.23 7.58 7.79
N PHE B 194 -11.00 7.10 6.82
CA PHE B 194 -12.44 7.41 6.78
C PHE B 194 -13.20 6.90 7.97
N HIS B 195 -12.77 5.79 8.58
CA HIS B 195 -13.51 5.27 9.71
C HIS B 195 -13.13 5.91 11.05
N GLY B 196 -12.09 6.75 11.10
CA GLY B 196 -11.83 7.50 12.30
C GLY B 196 -11.10 6.76 13.41
N ALA B 197 -10.81 5.48 13.25
CA ALA B 197 -10.13 4.75 14.32
C ALA B 197 -8.60 4.85 14.24
N GLY B 198 -8.06 5.30 13.12
CA GLY B 198 -6.64 5.57 13.13
C GLY B 198 -5.81 4.39 12.67
N LEU B 199 -4.69 4.73 12.00
CA LEU B 199 -3.62 3.81 11.67
C LEU B 199 -2.41 4.03 12.57
N VAL B 200 -1.84 2.93 13.04
CA VAL B 200 -0.61 2.93 13.82
C VAL B 200 0.41 2.12 13.04
N VAL B 201 1.47 2.79 12.58
CA VAL B 201 2.59 2.09 11.95
C VAL B 201 3.88 2.53 12.63
N PRO B 202 4.90 1.68 12.54
CA PRO B 202 6.23 2.02 13.07
C PRO B 202 6.81 3.19 12.30
N VAL B 203 7.34 4.17 13.03
CA VAL B 203 8.01 5.30 12.41
C VAL B 203 9.36 5.46 13.09
N ASP B 204 10.43 5.43 12.28
CA ASP B 204 11.79 5.55 12.77
C ASP B 204 12.16 7.03 12.88
N LYS B 205 13.41 7.30 13.23
CA LYS B 205 13.89 8.64 13.53
C LYS B 205 13.96 9.58 12.33
N ASN B 206 13.81 9.09 11.11
CA ASN B 206 13.73 9.95 9.93
C ASN B 206 12.31 10.11 9.36
N ASP B 207 11.25 9.90 10.15
CA ASP B 207 9.86 10.04 9.68
C ASP B 207 9.47 9.00 8.63
N VAL B 208 10.24 7.94 8.48
CA VAL B 208 9.98 6.88 7.51
C VAL B 208 8.89 5.94 8.02
N GLY B 209 7.92 5.65 7.16
CA GLY B 209 6.76 4.83 7.49
C GLY B 209 5.40 5.31 7.00
N TYR B 210 5.22 6.61 6.77
CA TYR B 210 3.92 7.17 6.36
C TYR B 210 4.18 8.45 5.57
N ARG B 211 3.32 8.68 4.57
CA ARG B 211 3.23 9.98 3.92
C ARG B 211 1.78 10.18 3.49
N GLU B 212 1.37 11.45 3.38
CA GLU B 212 -0.03 11.78 3.20
C GLU B 212 -0.41 11.55 1.75
N LEU B 213 -1.70 11.36 1.52
CA LEU B 213 -2.27 11.26 0.19
C LEU B 213 -2.26 12.59 -0.56
N PRO B 214 -2.18 12.54 -1.89
CA PRO B 214 -2.20 13.77 -2.70
C PRO B 214 -3.54 14.48 -2.72
N GLU B 215 -4.56 13.89 -2.11
CA GLU B 215 -5.90 14.44 -2.05
C GLU B 215 -6.34 14.50 -0.59
N THR B 216 -7.18 15.49 -0.27
CA THR B 216 -7.82 15.51 1.04
C THR B 216 -8.81 14.36 1.12
N ASP B 217 -9.28 14.04 2.33
CA ASP B 217 -10.27 12.98 2.47
C ASP B 217 -11.52 13.36 1.69
N ALA B 218 -11.92 14.63 1.77
CA ALA B 218 -13.08 15.12 1.02
C ALA B 218 -12.86 15.00 -0.49
N ASP B 219 -11.63 15.26 -0.97
CA ASP B 219 -11.37 15.16 -2.41
C ASP B 219 -11.35 13.71 -2.86
N LEU B 220 -10.85 12.80 -2.03
CA LEU B 220 -10.94 11.38 -2.34
C LEU B 220 -12.37 10.87 -2.41
N LYS B 221 -13.21 11.27 -1.43
CA LYS B 221 -14.61 10.86 -1.42
C LYS B 221 -15.35 11.36 -2.66
N ARG B 222 -14.99 12.56 -3.10
CA ARG B 222 -15.55 13.16 -4.31
C ARG B 222 -15.18 12.41 -5.57
N ILE B 223 -13.90 12.01 -5.68
CA ILE B 223 -13.40 11.19 -6.78
C ILE B 223 -14.14 9.88 -6.87
N CYS B 224 -14.34 9.22 -5.72
CA CYS B 224 -15.02 7.93 -5.68
C CYS B 224 -16.47 8.04 -6.16
N LYS B 225 -17.17 9.10 -5.74
CA LYS B 225 -18.56 9.27 -6.15
C LYS B 225 -18.67 9.36 -7.68
N THR B 226 -17.74 10.07 -8.32
CA THR B 226 -17.82 10.20 -9.76
C THR B 226 -17.58 8.85 -10.42
N ILE B 227 -16.80 8.00 -9.77
CA ILE B 227 -16.58 6.65 -10.27
C ILE B 227 -17.85 5.83 -10.13
N VAL B 228 -18.42 5.80 -8.93
CA VAL B 228 -19.57 4.93 -8.70
C VAL B 228 -20.81 5.40 -9.47
N GLU B 229 -20.92 6.70 -9.74
CA GLU B 229 -22.11 7.21 -10.43
C GLU B 229 -21.90 7.34 -11.93
N ALA B 230 -20.74 6.91 -12.43
CA ALA B 230 -20.45 6.97 -13.85
C ALA B 230 -21.51 6.22 -14.63
N ALA B 231 -21.94 6.77 -15.76
CA ALA B 231 -23.07 6.20 -16.47
C ALA B 231 -22.69 5.07 -17.43
N SER B 232 -21.40 4.86 -17.68
CA SER B 232 -20.99 3.72 -18.49
C SER B 232 -19.61 3.25 -18.07
N ASP B 233 -19.25 2.03 -18.50
CA ASP B 233 -17.93 1.50 -18.17
C ASP B 233 -16.88 2.32 -18.85
N GLU B 234 -17.20 2.90 -20.00
CA GLU B 234 -16.22 3.75 -20.65
C GLU B 234 -16.00 4.99 -19.80
N GLU B 235 -17.06 5.56 -19.25
CA GLU B 235 -16.90 6.70 -18.36
C GLU B 235 -16.22 6.33 -17.03
N ARG B 236 -16.51 5.13 -16.46
CA ARG B 236 -15.82 4.73 -15.22
C ARG B 236 -14.32 4.55 -15.39
N LEU B 237 -13.90 3.93 -16.50
CA LEU B 237 -12.48 3.74 -16.75
C LEU B 237 -11.76 5.09 -16.78
N LYS B 238 -12.37 6.08 -17.40
CA LYS B 238 -11.78 7.42 -17.44
C LYS B 238 -11.75 8.02 -16.04
N ALA B 239 -12.82 7.85 -15.28
CA ALA B 239 -12.93 8.34 -13.90
C ALA B 239 -11.91 7.70 -12.95
N PHE B 240 -11.39 6.52 -13.29
CA PHE B 240 -10.39 5.85 -12.47
C PHE B 240 -9.02 6.51 -12.53
N ALA B 241 -8.78 7.36 -13.52
CA ALA B 241 -7.44 7.89 -13.70
C ALA B 241 -6.85 8.49 -12.43
N PRO B 242 -7.56 9.29 -11.61
CA PRO B 242 -6.92 9.76 -10.37
C PRO B 242 -6.60 8.66 -9.39
N ILE B 243 -7.36 7.57 -9.35
CA ILE B 243 -6.98 6.46 -8.47
C ILE B 243 -5.72 5.78 -9.01
N GLN B 244 -5.68 5.51 -10.31
CA GLN B 244 -4.48 4.91 -10.91
C GLN B 244 -3.26 5.77 -10.64
N GLU B 245 -3.43 7.09 -10.70
CA GLU B 245 -2.32 7.98 -10.41
C GLU B 245 -1.88 7.78 -8.98
N MET B 246 -2.82 7.79 -8.05
CA MET B 246 -2.46 7.61 -6.65
C MET B 246 -1.83 6.24 -6.37
N MET B 247 -2.26 5.20 -7.08
CA MET B 247 -1.65 3.89 -6.90
C MET B 247 -0.21 3.83 -7.36
N THR B 248 0.16 4.56 -8.42
CA THR B 248 1.58 4.64 -8.74
C THR B 248 2.39 5.27 -7.61
N PHE B 249 1.91 6.37 -7.01
CA PHE B 249 2.65 6.96 -5.88
C PHE B 249 2.79 5.98 -4.72
N VAL B 250 1.80 5.14 -4.47
CA VAL B 250 1.93 4.20 -3.36
C VAL B 250 3.08 3.26 -3.62
N GLN B 251 3.27 2.85 -4.88
CA GLN B 251 4.40 2.00 -5.24
C GLN B 251 5.72 2.70 -4.88
N PHE B 252 5.82 3.99 -5.16
CA PHE B 252 7.00 4.77 -4.80
C PHE B 252 7.23 4.77 -3.29
N ALA B 253 6.16 5.00 -2.52
CA ALA B 253 6.23 4.95 -1.07
C ALA B 253 6.69 3.59 -0.58
N ASN B 254 6.15 2.53 -1.18
CA ASN B 254 6.55 1.19 -0.80
C ASN B 254 8.02 0.93 -1.05
N ASP B 255 8.54 1.42 -2.18
CA ASP B 255 9.96 1.24 -2.49
C ASP B 255 10.85 1.91 -1.47
N GLU B 256 10.36 3.00 -0.87
CA GLU B 256 11.08 3.78 0.11
C GLU B 256 10.61 3.57 1.55
N CYS B 257 9.91 2.46 1.85
CA CYS B 257 9.51 2.01 3.19
C CYS B 257 8.44 2.86 3.86
N ASP B 258 7.74 3.73 3.13
CA ASP B 258 6.61 4.48 3.70
C ASP B 258 5.35 3.63 3.53
N TYR B 259 5.34 2.49 4.21
CA TYR B 259 4.31 1.48 3.96
C TYR B 259 2.90 1.96 4.28
N GLY B 260 2.77 2.89 5.22
CA GLY B 260 1.49 3.38 5.71
C GLY B 260 0.65 4.11 4.68
N MET B 261 1.26 4.62 3.61
CA MET B 261 0.46 5.35 2.63
C MET B 261 -0.51 4.43 1.89
N GLY B 262 -0.02 3.27 1.44
CA GLY B 262 -0.88 2.34 0.73
C GLY B 262 -1.88 1.72 1.65
N LEU B 263 -1.53 1.56 2.92
CA LEU B 263 -2.52 1.14 3.89
C LEU B 263 -3.65 2.14 4.03
N GLU B 264 -3.34 3.45 4.07
CA GLU B 264 -4.44 4.40 4.22
C GLU B 264 -5.29 4.46 2.96
N LEU B 265 -4.68 4.49 1.78
CA LEU B 265 -5.46 4.54 0.55
C LEU B 265 -6.34 3.30 0.42
N GLY B 266 -5.74 2.12 0.62
CA GLY B 266 -6.53 0.90 0.55
C GLY B 266 -7.63 0.86 1.59
N MET B 267 -7.34 1.34 2.80
CA MET B 267 -8.33 1.32 3.85
C MET B 267 -9.49 2.26 3.54
N ASP B 268 -9.20 3.47 3.03
CA ASP B 268 -10.26 4.41 2.68
C ASP B 268 -11.15 3.89 1.56
N LEU B 269 -10.58 3.22 0.56
CA LEU B 269 -11.41 2.67 -0.52
C LEU B 269 -12.30 1.55 -0.03
N PHE B 270 -11.78 0.70 0.88
CA PHE B 270 -12.61 -0.35 1.46
C PHE B 270 -13.77 0.27 2.20
N CYS B 271 -13.47 1.31 2.99
CA CYS B 271 -14.48 1.95 3.81
C CYS B 271 -15.56 2.61 2.94
N TYR B 272 -15.20 3.16 1.78
CA TYR B 272 -16.23 3.75 0.91
C TYR B 272 -17.30 2.74 0.52
N GLY B 273 -16.95 1.46 0.33
CA GLY B 273 -17.92 0.36 0.29
C GLY B 273 -18.38 -0.13 -1.08
N SER B 274 -17.98 0.52 -2.16
CA SER B 274 -18.42 0.11 -3.49
C SER B 274 -17.57 -1.06 -3.95
N HIS B 275 -18.22 -2.03 -4.60
CA HIS B 275 -17.52 -3.15 -5.24
C HIS B 275 -16.56 -2.74 -6.35
N TYR B 276 -16.67 -1.53 -6.92
CA TYR B 276 -15.69 -1.07 -7.91
C TYR B 276 -14.27 -0.92 -7.33
N PHE B 277 -14.13 -0.95 -6.02
CA PHE B 277 -12.86 -0.74 -5.37
C PHE B 277 -12.30 -2.02 -4.77
N HIS B 278 -13.01 -3.13 -4.88
CA HIS B 278 -12.53 -4.36 -4.27
C HIS B 278 -11.20 -4.80 -4.87
N LYS B 279 -11.06 -4.65 -6.18
CA LYS B 279 -9.83 -5.07 -6.85
C LYS B 279 -8.61 -4.24 -6.43
N VAL B 280 -8.71 -2.90 -6.50
CA VAL B 280 -7.53 -2.09 -6.15
C VAL B 280 -7.18 -2.26 -4.68
N ALA B 281 -8.19 -2.28 -3.81
CA ALA B 281 -7.93 -2.51 -2.39
C ALA B 281 -7.27 -3.86 -2.18
N GLY B 282 -7.63 -4.85 -3.00
CA GLY B 282 -6.99 -6.14 -2.96
C GLY B 282 -5.55 -6.13 -3.46
N GLN B 283 -5.16 -5.10 -4.23
CA GLN B 283 -3.76 -4.97 -4.57
C GLN B 283 -2.99 -4.15 -3.55
N LEU B 284 -3.67 -3.30 -2.78
CA LEU B 284 -2.99 -2.44 -1.83
C LEU B 284 -2.88 -3.07 -0.45
N LEU B 285 -4.00 -3.55 0.08
CA LEU B 285 -4.06 -3.90 1.50
C LEU B 285 -3.28 -5.17 1.82
N PRO B 286 -3.41 -6.29 1.08
CA PRO B 286 -2.57 -7.44 1.40
C PRO B 286 -1.09 -7.07 1.37
N LEU B 287 -0.68 -6.37 0.31
CA LEU B 287 0.70 -5.91 0.22
C LEU B 287 1.07 -5.07 1.43
N ALA B 288 0.24 -4.07 1.76
CA ALA B 288 0.59 -3.18 2.88
C ALA B 288 0.75 -3.95 4.19
N TYR B 289 -0.16 -4.86 4.48
CA TYR B 289 -0.09 -5.64 5.72
C TYR B 289 1.10 -6.59 5.74
N ASN B 290 1.44 -7.17 4.59
CA ASN B 290 2.58 -8.05 4.52
C ASN B 290 3.89 -7.30 4.79
N LEU B 291 4.08 -6.15 4.14
CA LEU B 291 5.28 -5.36 4.36
C LEU B 291 5.44 -4.95 5.81
N LEU B 292 4.34 -4.71 6.51
CA LEU B 292 4.35 -4.35 7.93
C LEU B 292 4.51 -5.54 8.86
N LYS B 293 4.71 -6.75 8.32
CA LYS B 293 4.79 -8.00 9.09
C LYS B 293 3.51 -8.24 9.90
N ARG B 294 2.37 -7.94 9.28
CA ARG B 294 1.04 -8.23 9.81
C ARG B 294 0.36 -9.28 8.95
N ASN B 295 1.02 -10.42 8.77
CA ASN B 295 0.65 -11.35 7.72
C ASN B 295 -0.78 -11.81 7.90
N LEU B 296 -1.22 -12.00 9.15
CA LEU B 296 -2.59 -12.44 9.40
C LEU B 296 -3.63 -11.45 8.86
N PHE B 297 -3.40 -10.15 9.03
CA PHE B 297 -4.38 -9.19 8.51
C PHE B 297 -4.45 -9.25 7.00
N ALA B 298 -3.34 -9.54 6.32
CA ALA B 298 -3.37 -9.76 4.88
C ALA B 298 -4.26 -10.94 4.52
N GLU B 299 -4.17 -12.03 5.30
CA GLU B 299 -5.05 -13.17 5.09
C GLU B 299 -6.50 -12.77 5.25
N ILE B 300 -6.82 -12.07 6.34
CA ILE B 300 -8.22 -11.70 6.60
C ILE B 300 -8.78 -10.88 5.45
N ILE B 301 -8.04 -9.86 5.01
CA ILE B 301 -8.59 -8.93 4.03
C ILE B 301 -8.79 -9.59 2.66
N GLU B 302 -7.87 -10.47 2.22
CA GLU B 302 -8.11 -11.23 0.98
C GLU B 302 -9.42 -11.99 1.07
N GLU B 303 -9.62 -12.74 2.16
CA GLU B 303 -10.79 -13.59 2.28
C GLU B 303 -12.05 -12.75 2.42
N HIS B 304 -11.96 -11.61 3.08
CA HIS B 304 -13.14 -10.76 3.21
C HIS B 304 -13.48 -10.12 1.87
N LEU B 305 -12.49 -9.59 1.16
CA LEU B 305 -12.82 -9.03 -0.16
C LEU B 305 -13.36 -10.10 -1.09
N ALA B 306 -12.85 -11.34 -1.00
CA ALA B 306 -13.40 -12.42 -1.83
C ALA B 306 -14.78 -12.84 -1.36
N ASN B 307 -15.16 -12.51 -0.13
CA ASN B 307 -16.44 -13.02 0.38
C ASN B 307 -17.07 -12.03 1.37
N ARG B 308 -17.41 -10.81 0.93
CA ARG B 308 -17.83 -9.76 1.87
C ARG B 308 -19.36 -9.67 1.94
N SER B 309 -20.00 -10.35 2.88
CA SER B 309 -21.49 -10.39 2.80
C SER B 309 -22.18 -9.54 3.85
N GLN B 310 -23.47 -9.28 3.61
CA GLN B 310 -24.36 -8.48 4.49
C GLN B 310 -25.15 -9.41 5.44
N GLU B 311 -24.91 -10.73 5.34
CA GLU B 311 -25.39 -11.82 6.24
C GLU B 311 -24.12 -12.64 6.53
N ASN B 312 -23.73 -12.81 7.79
CA ASN B 312 -22.34 -13.31 8.00
C ASN B 312 -22.07 -14.24 9.18
N ILE B 313 -23.05 -14.89 9.80
CA ILE B 313 -22.79 -15.81 10.90
C ILE B 313 -22.54 -17.11 10.15
N ASP B 314 -21.33 -17.64 10.21
CA ASP B 314 -21.13 -18.82 9.39
C ASP B 314 -21.93 -20.01 9.92
N GLN B 315 -22.51 -19.90 11.11
CA GLN B 315 -23.37 -20.90 11.75
C GLN B 315 -24.88 -20.68 11.48
N LEU B 316 -25.28 -19.61 10.79
CA LEU B 316 -26.67 -19.52 10.33
C LEU B 316 -27.66 -19.64 11.48
C01 UHB C . 14.43 5.78 -10.24
C02 UHB C . 14.70 6.13 -8.91
C03 UHB C . 14.26 7.36 -8.42
C04 UHB C . 13.57 8.24 -9.24
C05 UHB C . 13.29 7.88 -10.57
C06 UHB C . 13.73 6.66 -11.06
C07 UHB C . 13.31 6.56 -12.53
C08 UHB C . 12.57 8.60 -11.73
N09 UHB C . 12.61 7.76 -12.88
O10 UHB C . 13.52 5.63 -13.25
N11 UHB C . 13.08 9.50 -8.67
C12 UHB C . 13.21 10.90 -9.15
O13 UHB C . 13.73 11.10 -10.20
C14 UHB C . 12.55 12.02 -8.30
N15 UHB C . 12.14 13.22 -9.03
C16 UHB C . 11.38 12.92 -10.21
C17 UHB C . 10.96 14.21 -10.92
N18 UHB C . 12.17 14.98 -11.27
C19 UHB C . 12.91 15.32 -10.05
C20 UHB C . 13.30 14.02 -9.34
C21 UHB C . 12.59 15.26 -12.67
C22 UHB C . 11.60 14.70 -13.74
C23 UHB C . 12.07 13.22 -13.95
C24 UHB C . 12.76 13.20 -15.29
C25 UHB C . 12.41 14.33 -15.92
O26 UHB C . 11.72 15.32 -14.85
O27 UHB C . 13.59 15.85 -12.96
O28 UHB C . 10.97 12.35 -13.90
O29 UHB C . 12.31 12.02 -16.09
N30 UHB C . 13.57 15.00 -16.47
C31 UHB C . 14.46 16.05 -18.17
C32 UHB C . 13.33 15.45 -17.73
C33 UHB C . 14.82 15.34 -16.12
N34 UHB C . 15.37 15.98 -17.17
N35 UHB C . 13.42 16.51 -20.22
C36 UHB C . 12.27 15.90 -19.78
N37 UHB C . 12.24 15.36 -18.53
C38 UHB C . 14.49 16.60 -19.46
N39 UHB C . 15.26 17.30 -20.46
#